data_3QDZ
#
_entry.id   3QDZ
#
_cell.length_a   91.414
_cell.length_b   102.876
_cell.length_c   146.390
_cell.angle_alpha   90.00
_cell.angle_beta   90.00
_cell.angle_gamma   90.00
#
_symmetry.space_group_name_H-M   'C 2 2 21'
#
loop_
_entity.id
_entity.type
_entity.pdbx_description
1 polymer 'Thrombin light chain'
2 polymer 'Thrombin heavy chain'
3 polymer 'Proteinase-activated receptor 4'
#
loop_
_entity_poly.entity_id
_entity_poly.type
_entity_poly.pdbx_seq_one_letter_code
_entity_poly.pdbx_strand_id
1 'polypeptide(L)' EADCGLRPLFEKKSLEDKTERELLESYIDGR A,C
2 'polypeptide(L)'
;IVEGSDAEIGMSPWQVMLFRKSPQELLCGASLISDRWVLTAAHCLLYPPWDKNFTENDLLVRIGKHSRTRYERNIEKISM
LEKIYIHPRYNWRENLDRNIALMKLKKPVAFSDYIHPVCLPDRETAASLLQAGYKGRVTGWGNLKETWTANVGKGQPSVL
QVVNLPIVERPVCKDSTRIRITDNMFCAGYKPDEGKRGDACEGDSGGPFVMKSPFNNRWYQMGIVSWGEGCDRDGKYGFY
THVFRLKKWIQKVIDQFGE
;
B,D
3 'polypeptide(L)' TPSILPAPR E,F
#
# COMPACT_ATOMS: atom_id res chain seq x y z
N GLU A 1 5.92 0.55 1.91
CA GLU A 1 5.33 1.67 2.71
C GLU A 1 6.33 2.16 3.77
N ALA A 2 7.30 1.30 4.14
CA ALA A 2 8.33 1.59 5.14
C ALA A 2 7.74 1.99 6.50
N ASP A 3 7.83 3.27 6.86
CA ASP A 3 7.29 3.70 8.15
C ASP A 3 6.41 4.95 8.09
N CYS A 4 6.08 5.41 6.89
CA CYS A 4 5.27 6.60 6.75
C CYS A 4 4.00 6.60 7.58
N GLY A 5 3.24 7.69 7.48
CA GLY A 5 1.96 7.85 8.15
C GLY A 5 1.65 7.31 9.53
N LEU A 6 2.61 6.72 10.23
CA LEU A 6 2.36 6.21 11.58
C LEU A 6 2.97 7.15 12.60
N ARG A 7 2.12 7.97 13.20
CA ARG A 7 2.50 8.95 14.20
C ARG A 7 3.16 8.33 15.42
N PRO A 8 4.43 8.66 15.68
CA PRO A 8 5.18 8.13 16.81
C PRO A 8 4.46 8.31 18.15
N LEU A 9 4.09 9.55 18.43
CA LEU A 9 3.41 9.86 19.68
C LEU A 9 1.94 9.52 19.65
N PHE A 10 1.59 8.48 18.88
CA PHE A 10 0.21 8.03 18.75
C PHE A 10 0.08 6.58 18.36
N GLU A 11 0.07 6.34 17.06
CA GLU A 11 -0.05 4.99 16.55
C GLU A 11 1.10 4.10 17.04
N LYS A 12 2.23 4.71 17.39
CA LYS A 12 3.35 3.93 17.89
C LYS A 12 3.19 3.75 19.40
N LYS A 13 2.45 4.64 20.03
CA LYS A 13 2.25 4.56 21.46
C LYS A 13 0.85 4.10 21.79
N SER A 14 0.14 3.65 20.77
CA SER A 14 -1.22 3.16 20.92
C SER A 14 -2.11 4.24 21.51
N LEU A 15 -1.96 5.45 21.02
CA LEU A 15 -2.76 6.58 21.48
C LEU A 15 -3.52 7.18 20.30
N GLU A 16 -4.83 7.33 20.45
CA GLU A 16 -5.65 7.91 19.40
C GLU A 16 -5.67 9.38 19.72
N ASP A 17 -5.72 10.22 18.70
CA ASP A 17 -5.79 11.64 18.96
C ASP A 17 -7.26 11.86 19.32
N LYS A 18 -7.58 13.02 19.89
CA LYS A 18 -8.94 13.30 20.31
C LYS A 18 -9.98 13.51 19.21
N THR A 19 -9.62 13.24 17.96
CA THR A 19 -10.56 13.47 16.88
C THR A 19 -10.78 12.35 15.85
N GLU A 20 -9.76 11.54 15.60
CA GLU A 20 -9.89 10.50 14.59
C GLU A 20 -11.16 9.64 14.51
N ARG A 21 -11.70 9.21 15.65
CA ARG A 21 -12.90 8.36 15.60
C ARG A 21 -13.95 8.96 14.67
N GLU A 22 -14.04 10.29 14.67
CA GLU A 22 -15.00 10.98 13.83
C GLU A 22 -14.88 10.54 12.37
N LEU A 23 -13.64 10.33 11.95
CA LEU A 23 -13.31 9.90 10.58
C LEU A 23 -13.60 8.44 10.49
N LEU A 24 -12.98 7.69 11.39
CA LEU A 24 -13.17 6.27 11.42
C LEU A 24 -14.66 5.97 11.44
N GLU A 25 -15.44 6.97 11.80
CA GLU A 25 -16.88 6.78 11.84
C GLU A 25 -17.55 7.12 10.51
N SER A 26 -17.00 8.09 9.79
CA SER A 26 -17.58 8.50 8.51
C SER A 26 -17.46 7.50 7.35
N TYR A 27 -17.07 6.27 7.66
CA TYR A 27 -16.96 5.24 6.64
C TYR A 27 -18.26 4.46 6.68
N ILE A 28 -18.73 4.24 7.91
CA ILE A 28 -19.99 3.55 8.21
C ILE A 28 -21.09 4.56 7.94
N ASP A 29 -20.88 5.76 8.49
CA ASP A 29 -21.80 6.89 8.31
C ASP A 29 -21.46 7.62 6.99
N ILE B 1 -6.98 28.17 10.15
CA ILE B 1 -8.10 27.30 9.71
C ILE B 1 -9.40 27.73 10.37
N VAL B 2 -10.35 28.15 9.54
CA VAL B 2 -11.68 28.61 9.95
C VAL B 2 -12.55 27.60 10.70
N GLU B 3 -12.98 27.98 11.91
CA GLU B 3 -13.82 27.14 12.76
C GLU B 3 -13.24 25.75 13.06
N GLY B 4 -12.06 25.75 13.67
CA GLY B 4 -11.45 24.47 13.97
C GLY B 4 -10.63 24.37 15.23
N SER B 5 -10.55 23.14 15.72
CA SER B 5 -9.80 22.77 16.91
C SER B 5 -8.37 23.31 16.94
N ASP B 6 -7.64 22.93 17.98
CA ASP B 6 -6.25 23.31 18.17
C ASP B 6 -5.59 21.94 18.27
N ALA B 7 -4.43 21.80 17.63
CA ALA B 7 -3.73 20.52 17.61
C ALA B 7 -3.23 19.91 18.93
N GLU B 8 -2.92 18.62 18.86
CA GLU B 8 -2.39 17.87 19.99
C GLU B 8 -0.93 17.70 19.62
N ILE B 9 -0.05 17.93 20.58
CA ILE B 9 1.38 17.84 20.34
C ILE B 9 1.76 16.60 19.52
N GLY B 10 2.32 16.85 18.33
CA GLY B 10 2.72 15.78 17.43
C GLY B 10 1.52 15.07 16.83
N MET B 11 0.64 15.83 16.18
CA MET B 11 -0.55 15.26 15.60
C MET B 11 -0.39 15.08 14.11
N SER B 12 0.19 16.10 13.48
CA SER B 12 0.47 16.09 12.06
C SER B 12 1.95 16.33 11.97
N PRO B 13 2.75 15.34 12.39
CA PRO B 13 4.21 15.32 12.42
C PRO B 13 4.89 15.44 11.04
N TRP B 14 4.07 15.56 10.00
CA TRP B 14 4.54 15.68 8.63
C TRP B 14 4.15 17.08 8.19
N GLN B 15 3.95 17.95 9.16
CA GLN B 15 3.57 19.32 8.89
C GLN B 15 4.80 20.13 8.57
N VAL B 16 4.67 21.04 7.60
CA VAL B 16 5.77 21.91 7.20
C VAL B 16 5.32 23.37 7.03
N MET B 17 6.26 24.30 7.13
CA MET B 17 5.94 25.71 6.98
C MET B 17 6.77 26.27 5.87
N LEU B 18 6.16 27.08 5.01
CA LEU B 18 6.87 27.68 3.88
C LEU B 18 7.23 29.13 4.19
N PHE B 19 8.54 29.40 4.26
CA PHE B 19 9.04 30.74 4.58
C PHE B 19 9.79 31.46 3.50
N ARG B 20 9.53 32.74 3.41
CA ARG B 20 10.22 33.60 2.49
C ARG B 20 11.54 33.82 3.23
N LYS B 21 12.66 33.59 2.56
CA LYS B 21 13.96 33.77 3.23
C LYS B 21 14.05 35.16 3.86
N SER B 22 14.37 36.13 3.02
CA SER B 22 14.49 37.51 3.46
C SER B 22 13.52 38.41 2.66
N PRO B 23 12.62 39.11 3.37
CA PRO B 23 12.52 39.06 4.83
C PRO B 23 11.83 37.80 5.32
N GLN B 24 12.35 37.20 6.39
CA GLN B 24 11.72 36.01 6.96
C GLN B 24 10.20 36.24 7.00
N GLU B 25 9.43 35.46 6.23
CA GLU B 25 7.97 35.62 6.12
C GLU B 25 7.19 34.31 6.01
N LEU B 26 6.00 34.26 6.61
CA LEU B 26 5.12 33.08 6.55
C LEU B 26 4.30 33.12 5.25
N LEU B 27 4.49 32.14 4.39
CA LEU B 27 3.81 32.10 3.09
C LEU B 27 2.73 31.05 2.87
N CYS B 28 3.08 29.81 3.13
CA CYS B 28 2.14 28.74 2.91
C CYS B 28 2.42 27.57 3.80
N GLY B 29 1.70 26.48 3.51
CA GLY B 29 1.82 25.25 4.27
C GLY B 29 2.35 24.11 3.41
N ALA B 30 2.74 23.02 4.07
CA ALA B 30 3.29 21.88 3.35
C ALA B 30 3.33 20.56 4.13
N SER B 31 3.63 19.47 3.42
CA SER B 31 3.72 18.15 4.02
C SER B 31 5.03 17.47 3.71
N LEU B 32 5.54 16.74 4.69
CA LEU B 32 6.78 15.99 4.59
C LEU B 32 6.40 14.59 4.16
N ILE B 33 6.86 14.18 2.98
CA ILE B 33 6.55 12.86 2.45
C ILE B 33 7.72 11.88 2.46
N SER B 34 8.82 12.29 3.07
CA SER B 34 10.03 11.47 3.23
C SER B 34 11.06 12.38 3.89
N ASP B 35 12.27 11.89 4.09
CA ASP B 35 13.32 12.71 4.72
C ASP B 35 14.01 13.68 3.78
N ARG B 36 13.65 13.65 2.51
CA ARG B 36 14.27 14.53 1.53
C ARG B 36 13.30 15.41 0.73
N TRP B 37 12.03 15.00 0.61
CA TRP B 37 11.03 15.77 -0.14
C TRP B 37 9.80 16.31 0.60
N VAL B 38 9.33 17.49 0.17
CA VAL B 38 8.15 18.18 0.73
C VAL B 38 7.13 18.53 -0.36
N LEU B 39 5.85 18.22 -0.12
CA LEU B 39 4.79 18.49 -1.08
C LEU B 39 4.27 19.91 -0.87
N THR B 40 3.31 20.36 -1.67
CA THR B 40 2.78 21.72 -1.51
C THR B 40 1.91 22.24 -2.67
N ALA B 41 1.35 23.43 -2.51
CA ALA B 41 0.51 24.01 -3.54
C ALA B 41 1.41 24.70 -4.54
N ALA B 42 1.13 24.47 -5.82
CA ALA B 42 1.91 25.07 -6.89
C ALA B 42 1.90 26.58 -6.82
N HIS B 43 0.73 27.18 -6.55
CA HIS B 43 0.59 28.64 -6.50
C HIS B 43 1.42 29.39 -5.43
N CYS B 44 1.86 28.69 -4.39
CA CYS B 44 2.65 29.31 -3.32
C CYS B 44 4.00 29.69 -3.85
N LEU B 45 4.49 28.86 -4.75
CA LEU B 45 5.78 29.06 -5.35
C LEU B 45 5.69 29.90 -6.58
N LEU B 46 4.62 29.74 -7.34
CA LEU B 46 4.46 30.50 -8.57
C LEU B 46 3.08 31.08 -8.84
N TYR B 47 2.90 32.36 -8.58
CA TYR B 47 1.63 32.98 -8.87
C TYR B 47 1.79 34.39 -9.45
N PRO B 48 2.09 34.46 -10.75
CA PRO B 48 2.27 35.74 -11.43
C PRO B 48 1.30 36.86 -11.04
N PRO B 49 -0.02 36.58 -10.91
CA PRO B 49 -1.03 37.58 -10.53
C PRO B 49 -0.76 38.40 -9.24
N TRP B 50 0.00 37.82 -8.31
CA TRP B 50 0.37 38.54 -7.10
C TRP B 50 1.88 38.59 -7.18
N ASP B 51 2.36 38.71 -8.42
CA ASP B 51 3.79 38.74 -8.74
C ASP B 51 4.53 37.92 -7.70
N LYS B 52 4.57 36.62 -7.96
CA LYS B 52 5.20 35.69 -7.07
C LYS B 52 5.96 34.72 -7.98
N ASN B 53 7.28 34.67 -7.85
CA ASN B 53 8.04 33.77 -8.68
C ASN B 53 9.33 33.36 -7.99
N PHE B 54 9.18 32.60 -6.90
CA PHE B 54 10.30 32.13 -6.07
C PHE B 54 11.24 31.08 -6.68
N THR B 55 12.46 31.04 -6.16
CA THR B 55 13.48 30.08 -6.56
C THR B 55 14.11 29.56 -5.29
N GLU B 56 14.58 28.33 -5.35
CA GLU B 56 15.21 27.67 -4.21
C GLU B 56 15.64 28.61 -3.10
N ASN B 57 16.51 29.55 -3.45
CA ASN B 57 17.07 30.49 -2.50
C ASN B 57 16.20 31.60 -1.91
N ASP B 58 14.94 31.68 -2.32
CA ASP B 58 14.09 32.73 -1.77
C ASP B 58 13.42 32.22 -0.51
N LEU B 59 13.43 30.91 -0.32
CA LEU B 59 12.75 30.29 0.80
C LEU B 59 13.50 29.28 1.66
N LEU B 60 12.84 28.91 2.75
CA LEU B 60 13.30 27.91 3.73
C LEU B 60 12.08 27.40 4.52
N VAL B 61 12.19 26.21 5.09
CA VAL B 61 11.08 25.59 5.82
C VAL B 61 11.38 25.16 7.24
N ARG B 62 10.33 25.11 8.05
CA ARG B 62 10.39 24.69 9.45
C ARG B 62 9.54 23.45 9.66
N ILE B 63 10.12 22.40 10.23
CA ILE B 63 9.41 21.16 10.41
C ILE B 63 9.23 20.73 11.86
N GLY B 64 8.02 20.34 12.22
CA GLY B 64 7.75 19.89 13.57
C GLY B 64 7.38 20.96 14.59
N LYS B 65 6.92 22.11 14.11
CA LYS B 65 6.52 23.19 15.01
C LYS B 65 5.06 23.07 15.42
N HIS B 66 4.77 23.51 16.64
CA HIS B 66 3.43 23.47 17.18
C HIS B 66 2.93 24.89 17.42
N SER B 67 3.74 25.67 18.14
CA SER B 67 3.37 27.04 18.45
C SER B 67 4.40 28.01 17.85
N ARG B 68 3.91 29.17 17.41
CA ARG B 68 4.76 30.22 16.85
C ARG B 68 5.15 31.15 18.01
N THR B 69 4.25 31.24 19.01
CA THR B 69 4.45 32.05 20.23
C THR B 69 5.39 31.27 21.14
N ARG B 70 6.50 30.85 20.55
CA ARG B 70 7.52 30.08 21.22
C ARG B 70 8.47 29.63 20.12
N TYR B 71 9.38 28.74 20.48
CA TYR B 71 10.39 28.19 19.57
C TYR B 71 10.96 26.95 20.26
N GLU B 72 10.35 25.79 19.99
CA GLU B 72 10.78 24.52 20.59
C GLU B 72 12.12 24.06 20.05
N ARG B 73 13.20 24.44 20.74
CA ARG B 73 14.57 24.05 20.32
C ARG B 73 14.77 22.54 20.47
N ASN B 74 15.61 21.97 19.59
CA ASN B 74 15.90 20.54 19.60
C ASN B 74 14.67 19.79 19.15
N ILE B 75 13.60 20.52 18.90
CA ILE B 75 12.34 19.94 18.46
C ILE B 75 12.14 20.23 16.99
N GLU B 76 11.89 21.50 16.70
CA GLU B 76 11.66 21.96 15.35
C GLU B 76 12.97 22.09 14.61
N LYS B 77 12.91 21.95 13.29
CA LYS B 77 14.08 22.10 12.46
C LYS B 77 13.79 23.20 11.46
N ILE B 78 14.74 23.48 10.58
CA ILE B 78 14.59 24.54 9.61
C ILE B 78 15.48 24.23 8.45
N SER B 79 15.02 23.43 7.49
CA SER B 79 15.89 23.11 6.37
C SER B 79 15.93 24.19 5.30
N MET B 80 16.78 23.97 4.31
CA MET B 80 16.94 24.90 3.21
C MET B 80 16.59 24.12 1.95
N LEU B 81 16.25 24.82 0.88
CA LEU B 81 15.87 24.16 -0.36
C LEU B 81 17.00 23.94 -1.35
N GLU B 82 17.04 22.76 -1.95
CA GLU B 82 18.06 22.43 -2.93
C GLU B 82 17.51 22.45 -4.35
N LYS B 83 16.20 22.71 -4.47
CA LYS B 83 15.51 22.82 -5.76
C LYS B 83 14.00 22.58 -5.65
N ILE B 84 13.25 23.52 -6.21
CA ILE B 84 11.79 23.45 -6.23
C ILE B 84 11.42 22.76 -7.53
N TYR B 85 10.23 22.16 -7.58
CA TYR B 85 9.75 21.48 -8.78
C TYR B 85 8.25 21.67 -8.96
N ILE B 86 7.86 22.63 -9.79
CA ILE B 86 6.45 22.89 -10.05
C ILE B 86 5.96 22.07 -11.24
N HIS B 87 4.78 21.49 -11.09
CA HIS B 87 4.20 20.67 -12.14
C HIS B 87 4.19 21.40 -13.46
N PRO B 88 4.70 20.76 -14.53
CA PRO B 88 4.76 21.36 -15.86
C PRO B 88 3.43 21.93 -16.29
N ARG B 89 2.44 21.07 -16.45
CA ARG B 89 1.13 21.52 -16.90
C ARG B 89 0.32 22.29 -15.83
N TYR B 90 0.98 22.82 -14.80
CA TYR B 90 0.29 23.60 -13.77
C TYR B 90 -0.35 24.82 -14.44
N ASN B 91 -1.65 24.97 -14.27
CA ASN B 91 -2.41 26.07 -14.88
C ASN B 91 -2.72 27.22 -13.94
N TRP B 92 -1.83 28.19 -13.84
CA TRP B 92 -2.06 29.33 -12.96
C TRP B 92 -2.88 30.40 -13.68
N ARG B 93 -3.09 30.17 -14.98
CA ARG B 93 -3.84 31.09 -15.83
C ARG B 93 -5.34 30.99 -15.64
N GLU B 94 -5.88 29.79 -15.83
CA GLU B 94 -7.31 29.56 -15.76
C GLU B 94 -7.94 29.08 -14.46
N ASN B 95 -7.45 27.99 -13.90
CA ASN B 95 -8.07 27.46 -12.70
C ASN B 95 -7.15 26.84 -11.67
N LEU B 96 -5.88 27.21 -11.67
CA LEU B 96 -4.97 26.64 -10.68
C LEU B 96 -5.13 25.13 -10.70
N ASP B 97 -5.04 24.58 -11.91
CA ASP B 97 -5.13 23.15 -12.15
C ASP B 97 -3.76 22.58 -11.89
N ARG B 98 -3.72 21.34 -11.43
CA ARG B 98 -2.45 20.66 -11.18
C ARG B 98 -1.60 21.36 -10.15
N ASN B 99 -2.21 22.35 -9.50
CA ASN B 99 -1.59 23.15 -8.43
C ASN B 99 -0.79 22.23 -7.50
N ILE B 100 0.44 21.89 -7.84
CA ILE B 100 1.19 21.00 -6.98
C ILE B 100 2.65 21.26 -7.22
N ALA B 101 3.46 20.99 -6.22
CA ALA B 101 4.88 21.23 -6.34
C ALA B 101 5.63 20.48 -5.27
N LEU B 102 6.82 20.04 -5.62
CA LEU B 102 7.67 19.32 -4.71
C LEU B 102 8.90 20.18 -4.44
N MET B 103 9.46 20.05 -3.24
CA MET B 103 10.64 20.81 -2.89
C MET B 103 11.63 19.89 -2.24
N LYS B 104 12.87 19.94 -2.71
CA LYS B 104 13.96 19.11 -2.18
C LYS B 104 14.74 19.89 -1.15
N LEU B 105 15.11 19.22 -0.07
CA LEU B 105 15.86 19.90 0.97
C LEU B 105 17.35 19.71 0.69
N LYS B 106 18.14 20.76 0.97
CA LYS B 106 19.58 20.68 0.77
C LYS B 106 20.05 19.49 1.60
N LYS B 107 19.60 19.42 2.84
CA LYS B 107 19.99 18.30 3.68
C LYS B 107 18.78 17.68 4.39
N PRO B 108 18.63 16.36 4.25
CA PRO B 108 17.59 15.49 4.78
C PRO B 108 17.29 15.48 6.28
N VAL B 109 16.17 16.06 6.67
CA VAL B 109 15.77 16.08 8.08
C VAL B 109 15.64 14.66 8.62
N ALA B 110 15.89 14.50 9.91
CA ALA B 110 15.81 13.18 10.55
C ALA B 110 14.46 13.05 11.24
N PHE B 111 13.76 11.95 11.02
CA PHE B 111 12.46 11.76 11.64
C PHE B 111 12.61 11.59 13.14
N SER B 112 11.96 12.48 13.88
CA SER B 112 12.02 12.47 15.32
C SER B 112 10.71 11.94 15.86
N ASP B 113 10.32 12.44 17.02
CA ASP B 113 9.08 12.03 17.64
C ASP B 113 7.98 12.89 17.04
N TYR B 114 8.30 14.16 16.83
CA TYR B 114 7.35 15.13 16.29
C TYR B 114 7.52 15.40 14.81
N ILE B 115 8.42 14.67 14.18
CA ILE B 115 8.65 14.82 12.74
C ILE B 115 8.62 13.47 12.05
N HIS B 116 7.53 13.21 11.33
CA HIS B 116 7.35 11.95 10.60
C HIS B 116 6.71 12.27 9.26
N PRO B 117 7.07 11.51 8.21
CA PRO B 117 6.53 11.73 6.87
C PRO B 117 5.16 11.07 6.69
N VAL B 118 4.23 11.74 6.02
CA VAL B 118 2.91 11.16 5.81
C VAL B 118 2.95 10.22 4.58
N CYS B 119 1.98 9.33 4.42
CA CYS B 119 1.97 8.41 3.26
C CYS B 119 1.19 8.94 2.08
N LEU B 120 1.53 8.45 0.89
CA LEU B 120 0.84 8.84 -0.33
C LEU B 120 -0.14 7.76 -0.75
N PRO B 121 -1.25 8.18 -1.33
CA PRO B 121 -2.30 7.26 -1.78
C PRO B 121 -1.92 6.27 -2.87
N ASP B 122 -2.42 5.05 -2.73
CA ASP B 122 -2.17 4.03 -3.73
C ASP B 122 -3.50 3.85 -4.47
N ARG B 123 -3.44 3.58 -5.77
CA ARG B 123 -4.68 3.43 -6.55
C ARG B 123 -5.76 2.81 -5.69
N GLU B 124 -5.42 1.70 -5.07
CA GLU B 124 -6.30 0.91 -4.20
C GLU B 124 -7.04 1.68 -3.12
N THR B 125 -6.29 2.53 -2.40
CA THR B 125 -6.83 3.34 -1.33
C THR B 125 -7.66 4.42 -1.95
N ALA B 126 -6.99 5.39 -2.54
CA ALA B 126 -7.65 6.53 -3.16
C ALA B 126 -9.00 6.22 -3.80
N ALA B 127 -9.10 5.04 -4.39
CA ALA B 127 -10.33 4.64 -5.06
C ALA B 127 -11.42 4.38 -4.04
N SER B 128 -11.02 3.79 -2.92
CA SER B 128 -11.96 3.42 -1.86
C SER B 128 -12.23 4.51 -0.84
N LEU B 129 -11.21 5.27 -0.50
CA LEU B 129 -11.38 6.31 0.48
C LEU B 129 -11.97 7.57 -0.08
N LEU B 130 -11.29 8.21 -1.01
CA LEU B 130 -11.77 9.46 -1.57
C LEU B 130 -13.20 9.47 -2.12
N GLN B 131 -14.17 9.14 -1.28
CA GLN B 131 -15.58 9.13 -1.67
C GLN B 131 -16.37 10.20 -0.94
N ALA B 132 -17.45 10.67 -1.55
CA ALA B 132 -18.27 11.69 -0.92
C ALA B 132 -18.86 11.21 0.43
N GLY B 133 -18.67 12.00 1.47
CA GLY B 133 -19.21 11.64 2.77
C GLY B 133 -18.13 11.22 3.75
N TYR B 134 -17.06 10.63 3.23
CA TYR B 134 -15.95 10.20 4.06
C TYR B 134 -15.30 11.47 4.57
N LYS B 135 -14.47 11.36 5.58
CA LYS B 135 -13.84 12.56 6.12
C LYS B 135 -12.33 12.53 6.10
N GLY B 136 -11.78 13.74 6.09
CA GLY B 136 -10.35 13.93 6.08
C GLY B 136 -9.96 15.07 7.00
N ARG B 137 -8.69 15.14 7.37
CA ARG B 137 -8.21 16.18 8.27
C ARG B 137 -7.36 17.25 7.61
N VAL B 138 -7.79 18.49 7.73
CA VAL B 138 -7.07 19.63 7.18
C VAL B 138 -6.31 20.39 8.26
N THR B 139 -5.03 20.65 8.01
CA THR B 139 -4.21 21.36 8.97
C THR B 139 -3.44 22.55 8.42
N GLY B 140 -3.31 23.57 9.26
CA GLY B 140 -2.59 24.78 8.89
C GLY B 140 -2.58 25.87 9.96
N TRP B 141 -1.88 26.95 9.62
CA TRP B 141 -1.73 28.13 10.46
C TRP B 141 -2.34 29.33 9.72
N GLY B 142 -3.31 29.05 8.84
CA GLY B 142 -3.93 30.11 8.07
C GLY B 142 -4.87 31.00 8.86
N ASN B 143 -5.50 31.94 8.15
CA ASN B 143 -6.46 32.86 8.75
C ASN B 143 -7.53 32.15 9.57
N LEU B 144 -8.05 32.82 10.60
CA LEU B 144 -9.08 32.21 11.44
C LEU B 144 -10.48 32.71 11.05
N LYS B 145 -10.52 33.55 10.02
CA LYS B 145 -11.78 34.07 9.49
C LYS B 145 -11.48 34.71 8.13
N GLU B 146 -12.49 35.29 7.51
CA GLU B 146 -12.32 35.95 6.23
C GLU B 146 -12.38 37.50 6.30
N THR B 147 -11.33 38.16 5.80
CA THR B 147 -11.23 39.64 5.71
C THR B 147 -10.36 40.02 4.50
N LYS B 154 -6.63 40.31 9.65
CA LYS B 154 -5.47 39.62 10.22
C LYS B 154 -5.84 38.18 10.58
N GLY B 155 -6.14 37.96 11.86
CA GLY B 155 -6.50 36.63 12.33
C GLY B 155 -5.35 35.65 12.16
N GLN B 156 -4.41 35.67 13.10
CA GLN B 156 -3.25 34.79 13.03
C GLN B 156 -3.15 33.96 14.31
N PRO B 157 -3.20 32.62 14.19
CA PRO B 157 -3.14 31.68 15.31
C PRO B 157 -1.72 31.47 15.83
N SER B 158 -1.64 30.99 17.07
CA SER B 158 -0.37 30.73 17.73
C SER B 158 -0.07 29.24 17.77
N VAL B 159 -1.10 28.42 17.58
CA VAL B 159 -0.95 26.97 17.60
C VAL B 159 -1.65 26.31 16.40
N LEU B 160 -1.00 25.29 15.81
CA LEU B 160 -1.55 24.58 14.65
C LEU B 160 -3.02 24.22 14.81
N GLN B 161 -3.82 24.72 13.88
CA GLN B 161 -5.25 24.49 13.85
C GLN B 161 -5.60 23.27 13.06
N VAL B 162 -6.35 22.36 13.68
CA VAL B 162 -6.77 21.18 12.96
C VAL B 162 -8.27 21.34 12.65
N VAL B 163 -8.90 20.31 12.09
CA VAL B 163 -10.30 20.39 11.73
C VAL B 163 -10.58 19.21 10.81
N ASN B 164 -11.80 18.70 10.83
CA ASN B 164 -12.15 17.56 10.00
C ASN B 164 -13.36 17.84 9.12
N LEU B 165 -13.19 17.68 7.82
CA LEU B 165 -14.26 17.95 6.88
C LEU B 165 -14.57 16.74 5.97
N PRO B 166 -15.86 16.51 5.67
CA PRO B 166 -16.28 15.39 4.83
C PRO B 166 -16.09 15.79 3.38
N ILE B 167 -15.95 14.79 2.51
CA ILE B 167 -15.78 15.07 1.11
C ILE B 167 -17.16 15.34 0.50
N VAL B 168 -17.22 16.24 -0.46
CA VAL B 168 -18.48 16.57 -1.13
C VAL B 168 -18.54 15.91 -2.51
N GLU B 169 -19.74 15.70 -3.03
CA GLU B 169 -19.87 15.10 -4.34
C GLU B 169 -19.32 16.08 -5.35
N ARG B 170 -18.91 15.58 -6.50
CA ARG B 170 -18.36 16.42 -7.55
C ARG B 170 -19.37 17.39 -8.12
N PRO B 171 -20.61 16.94 -8.37
CA PRO B 171 -21.61 17.88 -8.91
C PRO B 171 -21.91 19.07 -7.99
N VAL B 172 -21.89 18.87 -6.68
CA VAL B 172 -22.14 19.96 -5.76
C VAL B 172 -21.03 20.99 -5.95
N CYS B 173 -19.77 20.55 -5.86
CA CYS B 173 -18.64 21.46 -6.04
C CYS B 173 -18.76 22.04 -7.42
N LYS B 174 -18.74 21.17 -8.43
CA LYS B 174 -18.82 21.56 -9.84
C LYS B 174 -19.80 22.71 -10.02
N ASP B 175 -20.76 22.84 -9.10
CA ASP B 175 -21.72 23.93 -9.19
C ASP B 175 -21.47 25.01 -8.15
N SER B 176 -21.16 24.62 -6.92
CA SER B 176 -20.92 25.60 -5.86
C SER B 176 -19.91 26.67 -6.29
N THR B 177 -19.33 26.49 -7.48
CA THR B 177 -18.35 27.43 -8.04
C THR B 177 -18.61 27.69 -9.52
N ARG B 178 -17.94 28.70 -10.05
CA ARG B 178 -18.06 29.04 -11.46
C ARG B 178 -16.71 28.88 -12.11
N ILE B 179 -15.91 28.03 -11.49
CA ILE B 179 -14.59 27.72 -11.96
C ILE B 179 -14.72 26.28 -12.43
N ARG B 180 -14.05 25.98 -13.55
CA ARG B 180 -14.07 24.65 -14.14
C ARG B 180 -13.10 23.78 -13.35
N ILE B 181 -13.65 22.83 -12.60
CA ILE B 181 -12.83 21.96 -11.77
C ILE B 181 -12.50 20.66 -12.50
N THR B 182 -11.24 20.26 -12.42
CA THR B 182 -10.77 19.05 -13.09
C THR B 182 -10.65 17.85 -12.16
N ASP B 183 -10.15 16.74 -12.69
CA ASP B 183 -9.98 15.52 -11.89
C ASP B 183 -8.79 15.65 -10.98
N ASN B 184 -8.06 16.75 -11.10
CA ASN B 184 -6.88 16.97 -10.29
C ASN B 184 -7.30 17.73 -9.06
N MET B 185 -8.61 17.75 -8.82
CA MET B 185 -9.11 18.42 -7.67
C MET B 185 -10.42 17.84 -7.23
N PHE B 186 -10.63 17.93 -5.93
CA PHE B 186 -11.83 17.47 -5.26
C PHE B 186 -12.16 18.58 -4.28
N CYS B 187 -13.30 18.50 -3.62
CA CYS B 187 -13.64 19.56 -2.68
C CYS B 187 -14.35 19.03 -1.46
N ALA B 188 -14.04 19.61 -0.32
CA ALA B 188 -14.60 19.17 0.94
C ALA B 188 -15.13 20.31 1.78
N GLY B 189 -15.99 19.93 2.71
CA GLY B 189 -16.57 20.90 3.60
C GLY B 189 -18.02 20.53 3.82
N TYR B 190 -18.62 21.08 4.87
CA TYR B 190 -20.01 20.80 5.14
C TYR B 190 -20.89 21.62 4.20
N LYS B 191 -22.11 21.13 3.97
CA LYS B 191 -23.08 21.78 3.09
C LYS B 191 -23.98 22.75 3.83
N PRO B 192 -24.88 23.42 3.08
CA PRO B 192 -25.78 24.35 3.74
C PRO B 192 -26.72 23.48 4.56
N ASP B 193 -26.77 23.71 5.86
CA ASP B 193 -27.63 22.90 6.71
C ASP B 193 -27.03 21.54 6.92
N GLU B 194 -25.92 21.48 7.66
CA GLU B 194 -25.29 20.19 7.94
C GLU B 194 -24.98 19.97 9.42
N GLY B 195 -25.05 21.03 10.22
CA GLY B 195 -24.79 20.91 11.64
C GLY B 195 -23.50 21.59 12.05
N LYS B 196 -22.43 21.30 11.31
CA LYS B 196 -21.12 21.87 11.59
C LYS B 196 -20.61 22.72 10.42
N ARG B 197 -19.44 23.32 10.64
CA ARG B 197 -18.75 24.16 9.66
C ARG B 197 -17.26 23.89 9.81
N GLY B 198 -16.44 24.69 9.15
CA GLY B 198 -15.00 24.51 9.21
C GLY B 198 -14.48 24.73 7.82
N ASP B 199 -13.23 25.15 7.68
CA ASP B 199 -12.64 25.36 6.36
C ASP B 199 -11.22 25.87 6.45
N ALA B 200 -10.45 25.71 5.39
CA ALA B 200 -9.09 26.22 5.43
C ALA B 200 -9.29 27.66 5.01
N CYS B 201 -8.22 28.45 5.00
CA CYS B 201 -8.33 29.85 4.60
C CYS B 201 -6.95 30.38 4.21
N GLU B 202 -6.86 31.59 3.70
CA GLU B 202 -5.57 32.13 3.26
C GLU B 202 -4.47 31.73 4.22
N GLY B 203 -3.35 31.23 3.68
CA GLY B 203 -2.23 30.82 4.49
C GLY B 203 -2.22 29.33 4.78
N ASP B 204 -3.34 28.69 4.47
CA ASP B 204 -3.48 27.25 4.67
C ASP B 204 -3.03 26.53 3.40
N SER B 205 -3.28 27.15 2.26
CA SER B 205 -2.91 26.58 0.98
C SER B 205 -1.62 25.79 1.08
N GLY B 206 -1.47 24.80 0.22
CA GLY B 206 -0.27 23.98 0.21
C GLY B 206 -0.14 23.03 1.38
N GLY B 207 -1.10 23.09 2.32
CA GLY B 207 -1.05 22.23 3.50
C GLY B 207 -1.63 20.87 3.23
N PRO B 208 -1.45 19.89 4.13
CA PRO B 208 -2.01 18.56 3.86
C PRO B 208 -3.50 18.43 4.09
N PHE B 209 -4.01 17.27 3.70
CA PHE B 209 -5.41 16.91 3.90
C PHE B 209 -5.33 15.40 3.96
N VAL B 210 -5.05 14.90 5.13
CA VAL B 210 -4.92 13.48 5.31
C VAL B 210 -6.26 12.77 5.57
N MET B 211 -6.20 11.44 5.59
CA MET B 211 -7.33 10.53 5.84
C MET B 211 -6.66 9.37 6.58
N LYS B 212 -7.41 8.64 7.40
CA LYS B 212 -6.80 7.52 8.11
C LYS B 212 -7.36 6.23 7.53
N SER B 213 -6.49 5.44 6.89
CA SER B 213 -6.93 4.21 6.24
C SER B 213 -7.40 3.16 7.22
N PRO B 214 -8.68 2.74 7.10
CA PRO B 214 -9.33 1.74 7.94
C PRO B 214 -8.75 0.41 7.59
N PHE B 215 -7.87 0.42 6.60
CA PHE B 215 -7.23 -0.78 6.10
C PHE B 215 -5.96 -1.12 6.83
N ASN B 216 -4.96 -0.26 6.66
CA ASN B 216 -3.64 -0.44 7.27
C ASN B 216 -3.53 0.43 8.49
N ASN B 217 -4.50 1.35 8.63
CA ASN B 217 -4.54 2.22 9.79
C ASN B 217 -3.38 3.25 9.80
N ARG B 218 -3.21 3.94 8.66
CA ARG B 218 -2.16 4.94 8.49
C ARG B 218 -2.72 6.20 7.86
N TRP B 219 -1.98 7.30 8.00
CA TRP B 219 -2.41 8.57 7.45
C TRP B 219 -1.94 8.75 6.03
N TYR B 220 -2.84 9.18 5.16
CA TYR B 220 -2.54 9.36 3.75
C TYR B 220 -2.94 10.75 3.25
N GLN B 221 -2.00 11.59 2.83
CA GLN B 221 -2.40 12.90 2.30
C GLN B 221 -3.13 12.63 0.98
N MET B 222 -4.42 12.95 0.92
CA MET B 222 -5.20 12.72 -0.29
C MET B 222 -5.31 13.98 -1.12
N GLY B 223 -5.21 15.13 -0.45
CA GLY B 223 -5.29 16.40 -1.14
C GLY B 223 -4.35 17.46 -0.58
N ILE B 224 -4.25 18.57 -1.29
CA ILE B 224 -3.42 19.70 -0.90
C ILE B 224 -4.33 20.88 -1.00
N VAL B 225 -4.38 21.73 0.04
CA VAL B 225 -5.23 22.91 0.01
C VAL B 225 -4.89 23.75 -1.21
N SER B 226 -5.87 23.97 -2.09
CA SER B 226 -5.58 24.73 -3.30
C SER B 226 -6.19 26.10 -3.28
N TRP B 227 -7.51 26.19 -3.11
CA TRP B 227 -8.17 27.49 -3.11
C TRP B 227 -9.62 27.41 -2.71
N GLY B 228 -10.27 28.58 -2.72
CA GLY B 228 -11.66 28.68 -2.37
C GLY B 228 -12.16 30.10 -2.53
N GLU B 229 -13.48 30.24 -2.62
CA GLU B 229 -14.12 31.54 -2.73
C GLU B 229 -14.50 31.93 -1.30
N GLY B 230 -13.83 32.93 -0.75
CA GLY B 230 -14.10 33.33 0.61
C GLY B 230 -13.70 32.17 1.51
N CYS B 231 -14.24 32.11 2.73
CA CYS B 231 -13.92 31.02 3.64
C CYS B 231 -15.16 30.66 4.44
N ASP B 232 -15.40 29.36 4.59
CA ASP B 232 -16.53 28.81 5.33
C ASP B 232 -17.94 29.25 4.92
N ARG B 233 -18.02 30.21 4.02
CA ARG B 233 -19.32 30.71 3.56
C ARG B 233 -20.23 29.56 3.15
N ASP B 234 -21.43 29.50 3.73
CA ASP B 234 -22.37 28.43 3.39
C ASP B 234 -22.68 28.47 1.90
N GLY B 235 -22.72 27.29 1.29
CA GLY B 235 -22.98 27.18 -0.12
C GLY B 235 -21.66 27.11 -0.87
N LYS B 236 -20.56 27.28 -0.15
CA LYS B 236 -19.24 27.23 -0.77
C LYS B 236 -18.27 26.22 -0.11
N TYR B 237 -17.58 25.47 -0.97
CA TYR B 237 -16.66 24.43 -0.55
C TYR B 237 -15.23 24.66 -1.01
N GLY B 238 -14.28 24.35 -0.14
CA GLY B 238 -12.87 24.50 -0.49
C GLY B 238 -12.45 23.38 -1.40
N PHE B 239 -11.54 23.66 -2.33
CA PHE B 239 -11.04 22.65 -3.27
C PHE B 239 -9.64 22.21 -2.91
N TYR B 240 -9.31 20.97 -3.26
CA TYR B 240 -8.00 20.41 -2.97
C TYR B 240 -7.44 19.73 -4.18
N THR B 241 -6.13 19.64 -4.25
CA THR B 241 -5.46 18.97 -5.35
C THR B 241 -5.65 17.48 -5.10
N HIS B 242 -6.03 16.75 -6.13
CA HIS B 242 -6.24 15.33 -5.98
C HIS B 242 -4.88 14.65 -5.94
N VAL B 243 -4.25 14.68 -4.77
CA VAL B 243 -2.91 14.11 -4.66
C VAL B 243 -2.74 12.84 -5.43
N PHE B 244 -3.67 11.90 -5.35
CA PHE B 244 -3.43 10.70 -6.11
C PHE B 244 -3.33 10.91 -7.61
N ARG B 245 -4.24 11.68 -8.17
CA ARG B 245 -4.20 11.92 -9.60
C ARG B 245 -2.77 12.13 -10.01
N LEU B 246 -2.22 13.26 -9.63
CA LEU B 246 -0.87 13.60 -9.98
C LEU B 246 0.16 12.74 -9.28
N LYS B 247 -0.26 11.59 -8.76
CA LYS B 247 0.68 10.71 -8.07
C LYS B 247 1.86 10.46 -8.96
N LYS B 248 1.54 10.15 -10.22
CA LYS B 248 2.50 9.88 -11.28
C LYS B 248 3.66 10.85 -11.22
N TRP B 249 3.35 12.08 -11.61
CA TRP B 249 4.31 13.18 -11.63
C TRP B 249 5.23 13.10 -10.42
N ILE B 250 4.62 13.07 -9.24
CA ILE B 250 5.36 13.04 -8.00
C ILE B 250 6.56 12.09 -7.98
N GLN B 251 6.46 10.93 -8.62
CA GLN B 251 7.60 10.01 -8.64
C GLN B 251 8.64 10.38 -9.70
N LYS B 252 8.18 10.52 -10.94
CA LYS B 252 9.04 10.88 -12.05
C LYS B 252 10.03 11.95 -11.55
N VAL B 253 9.59 12.71 -10.55
CA VAL B 253 10.38 13.76 -9.96
C VAL B 253 11.32 13.24 -8.86
N ILE B 254 10.87 12.27 -8.07
CA ILE B 254 11.73 11.75 -7.02
C ILE B 254 12.77 10.78 -7.55
N ASP B 255 12.34 9.84 -8.40
CA ASP B 255 13.24 8.86 -9.01
C ASP B 255 14.46 9.59 -9.56
N GLN B 256 14.19 10.57 -10.40
CA GLN B 256 15.21 11.40 -11.03
C GLN B 256 16.10 12.11 -9.99
N PHE B 257 15.48 12.93 -9.15
CA PHE B 257 16.14 13.72 -8.09
C PHE B 257 16.21 15.19 -8.45
N GLU C 1 16.92 -34.92 -0.01
CA GLU C 1 15.91 -34.16 0.81
C GLU C 1 16.57 -32.99 1.60
N ALA C 2 17.77 -32.56 1.18
CA ALA C 2 18.52 -31.49 1.85
C ALA C 2 18.20 -31.47 3.34
N ASP C 3 17.26 -30.62 3.74
CA ASP C 3 16.81 -30.53 5.13
C ASP C 3 15.53 -29.69 5.12
N CYS C 4 14.82 -29.80 3.99
CA CYS C 4 13.57 -29.09 3.74
C CYS C 4 12.38 -29.73 4.44
N GLY C 5 11.30 -28.96 4.58
CA GLY C 5 10.11 -29.50 5.20
C GLY C 5 10.16 -29.64 6.71
N LEU C 6 11.32 -29.37 7.31
CA LEU C 6 11.46 -29.45 8.75
C LEU C 6 11.65 -28.03 9.28
N ARG C 7 10.54 -27.40 9.65
CA ARG C 7 10.56 -26.02 10.14
C ARG C 7 11.36 -25.82 11.43
N PRO C 8 12.40 -24.96 11.36
CA PRO C 8 13.31 -24.62 12.46
C PRO C 8 12.64 -24.19 13.75
N LEU C 9 11.32 -24.01 13.72
CA LEU C 9 10.62 -23.62 14.94
C LEU C 9 9.50 -24.58 15.37
N PHE C 10 9.40 -25.72 14.70
CA PHE C 10 8.39 -26.73 15.02
C PHE C 10 8.92 -28.16 15.00
N GLU C 11 9.27 -28.64 13.81
CA GLU C 11 9.78 -30.00 13.63
C GLU C 11 11.11 -30.27 14.33
N LYS C 12 12.03 -29.32 14.19
CA LYS C 12 13.34 -29.45 14.80
C LYS C 12 13.27 -28.93 16.23
N LYS C 13 12.07 -28.76 16.76
CA LYS C 13 11.94 -28.26 18.12
C LYS C 13 10.72 -28.82 18.84
N SER C 14 10.10 -29.82 18.23
CA SER C 14 8.92 -30.48 18.81
C SER C 14 7.75 -29.55 19.15
N LEU C 15 7.21 -28.90 18.13
CA LEU C 15 6.04 -28.04 18.30
C LEU C 15 5.23 -27.99 17.00
N GLU C 16 3.92 -28.16 17.15
CA GLU C 16 3.03 -28.14 15.99
C GLU C 16 2.27 -26.83 15.96
N ASP C 17 2.28 -26.17 14.81
CA ASP C 17 1.58 -24.90 14.68
C ASP C 17 0.07 -25.09 14.84
N LYS C 18 -0.52 -24.18 15.61
CA LYS C 18 -1.93 -24.16 15.93
C LYS C 18 -2.87 -24.82 14.93
N THR C 19 -2.54 -24.75 13.65
CA THR C 19 -3.43 -25.32 12.65
C THR C 19 -2.89 -26.42 11.75
N GLU C 20 -1.65 -26.83 11.92
CA GLU C 20 -1.13 -27.87 11.05
C GLU C 20 -1.88 -29.18 11.28
N ARG C 21 -2.52 -29.26 12.43
CA ARG C 21 -3.31 -30.42 12.83
C ARG C 21 -4.42 -30.69 11.82
N GLU C 22 -5.15 -29.64 11.47
CA GLU C 22 -6.26 -29.74 10.52
C GLU C 22 -5.78 -30.42 9.25
N LEU C 23 -4.56 -30.10 8.83
CA LEU C 23 -3.96 -30.67 7.62
C LEU C 23 -3.90 -32.18 7.62
N LEU C 24 -3.36 -32.76 8.69
CA LEU C 24 -3.25 -34.20 8.81
C LEU C 24 -4.62 -34.86 8.88
N GLU C 25 -5.45 -34.40 9.80
CA GLU C 25 -6.79 -34.96 9.94
C GLU C 25 -7.53 -35.09 8.62
N SER C 26 -6.99 -34.50 7.57
CA SER C 26 -7.61 -34.54 6.24
C SER C 26 -7.18 -35.80 5.51
N TYR C 27 -6.19 -36.46 6.06
CA TYR C 27 -5.70 -37.68 5.45
C TYR C 27 -6.50 -38.85 5.98
N ILE C 28 -7.56 -38.53 6.73
CA ILE C 28 -8.44 -39.52 7.35
C ILE C 28 -9.92 -39.25 7.05
N ASP C 29 -10.18 -38.20 6.28
CA ASP C 29 -11.55 -37.81 5.93
C ASP C 29 -11.59 -36.67 4.91
N ILE D 1 -4.92 -13.23 1.05
CA ILE D 1 -5.67 -14.48 1.37
C ILE D 1 -7.00 -14.18 2.04
N VAL D 2 -8.09 -14.71 1.46
CA VAL D 2 -9.43 -14.48 1.97
C VAL D 2 -9.91 -15.49 3.02
N GLU D 3 -10.48 -14.95 4.11
CA GLU D 3 -10.97 -15.76 5.23
C GLU D 3 -9.88 -16.67 5.74
N GLY D 4 -8.80 -16.06 6.22
CA GLY D 4 -7.68 -16.82 6.74
C GLY D 4 -7.33 -16.34 8.13
N SER D 5 -6.13 -16.69 8.59
CA SER D 5 -5.69 -16.29 9.92
C SER D 5 -4.24 -15.83 9.98
N ASP D 6 -3.95 -14.99 10.97
CA ASP D 6 -2.62 -14.46 11.19
C ASP D 6 -1.68 -15.64 11.40
N ALA D 7 -0.49 -15.57 10.81
CA ALA D 7 0.47 -16.65 10.92
C ALA D 7 1.13 -16.75 12.30
N GLU D 8 1.99 -17.75 12.44
CA GLU D 8 2.75 -18.00 13.67
C GLU D 8 4.20 -17.81 13.26
N ILE D 9 4.86 -16.86 13.89
CA ILE D 9 6.25 -16.53 13.59
C ILE D 9 7.08 -17.71 13.09
N GLY D 10 7.38 -17.68 11.80
CA GLY D 10 8.14 -18.75 11.20
C GLY D 10 7.27 -19.99 11.04
N MET D 11 6.18 -19.84 10.28
CA MET D 11 5.28 -20.97 10.02
C MET D 11 5.57 -21.44 8.62
N SER D 12 6.18 -20.54 7.85
CA SER D 12 6.56 -20.81 6.48
C SER D 12 7.78 -19.94 6.15
N PRO D 13 8.97 -20.34 6.65
CA PRO D 13 10.23 -19.64 6.45
C PRO D 13 10.68 -19.60 5.00
N TRP D 14 10.08 -20.44 4.16
CA TRP D 14 10.41 -20.47 2.75
C TRP D 14 9.49 -19.50 2.00
N GLN D 15 8.74 -18.70 2.77
CA GLN D 15 7.82 -17.72 2.20
C GLN D 15 8.59 -16.53 1.65
N VAL D 16 8.58 -16.42 0.32
CA VAL D 16 9.28 -15.35 -0.40
C VAL D 16 8.39 -14.19 -0.86
N MET D 17 8.90 -12.97 -0.70
CA MET D 17 8.18 -11.77 -1.14
C MET D 17 8.83 -11.36 -2.44
N LEU D 18 8.03 -10.88 -3.39
CA LEU D 18 8.56 -10.46 -4.66
C LEU D 18 8.33 -8.98 -4.89
N PHE D 19 9.34 -8.17 -4.60
CA PHE D 19 9.27 -6.72 -4.75
C PHE D 19 9.66 -6.13 -6.10
N ARG D 20 9.32 -4.87 -6.27
CA ARG D 20 9.64 -4.11 -7.47
C ARG D 20 10.44 -2.89 -7.04
N LYS D 21 11.74 -2.88 -7.34
CA LYS D 21 12.60 -1.76 -6.96
C LYS D 21 11.92 -0.40 -7.14
N SER D 22 11.66 -0.04 -8.40
CA SER D 22 11.04 1.24 -8.73
C SER D 22 9.81 1.09 -9.65
N PRO D 23 8.62 1.44 -9.13
CA PRO D 23 8.46 1.94 -7.76
C PRO D 23 8.28 0.83 -6.74
N GLN D 24 8.83 1.05 -5.54
CA GLN D 24 8.72 0.09 -4.45
C GLN D 24 7.22 -0.26 -4.36
N GLU D 25 6.90 -1.51 -4.66
CA GLU D 25 5.53 -1.98 -4.69
C GLU D 25 5.55 -3.52 -4.68
N LEU D 26 4.77 -4.14 -3.79
CA LEU D 26 4.72 -5.60 -3.68
C LEU D 26 4.08 -6.30 -4.87
N LEU D 27 4.84 -7.17 -5.53
CA LEU D 27 4.37 -7.86 -6.72
C LEU D 27 3.68 -9.21 -6.59
N CYS D 28 4.32 -10.13 -5.86
CA CYS D 28 3.78 -11.48 -5.70
C CYS D 28 4.36 -12.19 -4.50
N GLY D 29 4.00 -13.47 -4.37
CA GLY D 29 4.53 -14.28 -3.31
C GLY D 29 5.53 -15.21 -3.96
N ALA D 30 6.27 -15.99 -3.17
CA ALA D 30 7.24 -16.91 -3.73
C ALA D 30 7.75 -17.91 -2.70
N SER D 31 8.32 -19.01 -3.19
CA SER D 31 8.82 -20.09 -2.35
C SER D 31 10.33 -20.23 -2.30
N LEU D 32 10.83 -20.76 -1.19
CA LEU D 32 12.27 -20.96 -1.02
C LEU D 32 12.64 -22.43 -1.10
N ILE D 33 13.18 -22.82 -2.26
CA ILE D 33 13.57 -24.21 -2.47
C ILE D 33 14.97 -24.55 -1.98
N SER D 34 15.96 -23.73 -2.29
CA SER D 34 17.34 -23.98 -1.86
C SER D 34 18.04 -22.75 -1.26
N ASP D 35 19.37 -22.76 -1.29
CA ASP D 35 20.20 -21.66 -0.78
C ASP D 35 20.47 -20.78 -1.98
N ARG D 36 20.40 -21.44 -3.14
CA ARG D 36 20.65 -20.81 -4.42
C ARG D 36 19.43 -20.80 -5.34
N TRP D 37 18.25 -21.11 -4.82
CA TRP D 37 17.04 -21.10 -5.65
C TRP D 37 15.69 -20.75 -4.99
N VAL D 38 14.81 -20.15 -5.80
CA VAL D 38 13.46 -19.74 -5.38
C VAL D 38 12.43 -20.06 -6.48
N LEU D 39 11.15 -20.07 -6.13
CA LEU D 39 10.11 -20.39 -7.11
C LEU D 39 8.87 -19.52 -7.00
N THR D 40 8.30 -19.18 -8.15
CA THR D 40 7.09 -18.36 -8.22
C THR D 40 6.28 -18.61 -9.50
N ALA D 41 5.42 -17.67 -9.86
CA ALA D 41 4.57 -17.81 -11.02
C ALA D 41 5.07 -17.05 -12.26
N ALA D 42 4.59 -17.47 -13.43
CA ALA D 42 4.98 -16.84 -14.68
C ALA D 42 4.40 -15.44 -14.83
N HIS D 43 3.09 -15.29 -14.55
CA HIS D 43 2.44 -13.99 -14.68
C HIS D 43 2.97 -12.96 -13.70
N CYS D 44 3.64 -13.43 -12.66
CA CYS D 44 4.19 -12.53 -11.67
C CYS D 44 5.32 -11.69 -12.25
N LEU D 45 5.85 -12.15 -13.38
CA LEU D 45 6.94 -11.48 -14.08
C LEU D 45 6.44 -11.11 -15.46
N LEU D 46 6.11 -12.11 -16.27
CA LEU D 46 5.61 -11.82 -17.60
C LEU D 46 4.10 -11.90 -17.71
N TYR D 47 3.54 -10.85 -18.31
CA TYR D 47 2.11 -10.75 -18.58
C TYR D 47 1.88 -9.53 -19.47
N PRO D 48 2.12 -9.68 -20.78
CA PRO D 48 1.97 -8.65 -21.80
C PRO D 48 0.66 -7.88 -21.78
N PRO D 49 -0.47 -8.55 -21.49
CA PRO D 49 -1.80 -7.91 -21.43
C PRO D 49 -1.80 -6.69 -20.52
N TRP D 50 -1.19 -6.86 -19.34
CA TRP D 50 -1.08 -5.76 -18.41
C TRP D 50 0.26 -5.09 -18.67
N ASP D 51 0.83 -5.39 -19.83
CA ASP D 51 2.10 -4.81 -20.25
C ASP D 51 3.18 -5.06 -19.18
N LYS D 52 3.30 -6.32 -18.78
CA LYS D 52 4.25 -6.74 -17.76
C LYS D 52 5.34 -7.61 -18.39
N ASN D 53 6.61 -7.26 -18.21
CA ASN D 53 7.71 -8.03 -18.81
C ASN D 53 9.03 -7.82 -18.06
N PHE D 54 8.96 -7.79 -16.74
CA PHE D 54 10.12 -7.59 -15.87
C PHE D 54 11.40 -8.33 -16.26
N THR D 55 12.51 -7.87 -15.68
CA THR D 55 13.84 -8.47 -15.88
C THR D 55 14.47 -8.47 -14.48
N GLU D 56 15.65 -9.03 -14.35
CA GLU D 56 16.29 -9.13 -13.04
C GLU D 56 16.35 -7.91 -12.13
N ASN D 57 16.97 -6.83 -12.59
CA ASN D 57 17.13 -5.65 -11.73
C ASN D 57 15.91 -4.83 -11.26
N ASP D 58 14.81 -4.82 -12.00
CA ASP D 58 13.66 -4.05 -11.54
C ASP D 58 12.93 -4.78 -10.41
N LEU D 59 13.40 -5.99 -10.10
CA LEU D 59 12.79 -6.84 -9.07
C LEU D 59 13.72 -7.18 -7.90
N LEU D 60 13.15 -7.19 -6.70
CA LEU D 60 13.89 -7.52 -5.48
C LEU D 60 13.13 -8.63 -4.74
N VAL D 61 13.67 -9.10 -3.61
CA VAL D 61 13.01 -10.17 -2.83
C VAL D 61 13.31 -10.15 -1.32
N ARG D 62 12.42 -9.57 -0.51
CA ARG D 62 12.62 -9.54 0.94
C ARG D 62 12.24 -10.90 1.56
N ILE D 63 13.23 -11.78 1.65
CA ILE D 63 13.03 -13.13 2.20
C ILE D 63 12.93 -13.11 3.72
N GLY D 64 12.08 -13.97 4.26
CA GLY D 64 11.90 -14.08 5.71
C GLY D 64 11.18 -12.92 6.35
N LYS D 65 10.00 -12.59 5.82
CA LYS D 65 9.21 -11.49 6.35
C LYS D 65 7.96 -11.95 7.11
N HIS D 66 7.55 -11.15 8.09
CA HIS D 66 6.36 -11.48 8.84
C HIS D 66 5.44 -10.29 8.68
N SER D 67 5.93 -9.12 9.11
CA SER D 67 5.16 -7.90 9.04
C SER D 67 5.65 -6.98 7.90
N ARG D 68 4.74 -6.15 7.41
CA ARG D 68 5.08 -5.20 6.35
C ARG D 68 5.29 -3.84 7.02
N THR D 69 4.49 -3.59 8.06
CA THR D 69 4.55 -2.35 8.84
C THR D 69 5.80 -2.32 9.71
N ARG D 70 6.90 -2.85 9.19
CA ARG D 70 8.17 -2.88 9.91
C ARG D 70 9.31 -3.53 9.11
N TYR D 71 10.53 -3.25 9.57
CA TYR D 71 11.73 -3.81 8.98
C TYR D 71 12.43 -4.55 10.11
N GLU D 72 12.03 -5.80 10.35
CA GLU D 72 12.61 -6.62 11.42
C GLU D 72 14.14 -6.56 11.48
N ARG D 73 14.67 -6.22 12.65
CA ARG D 73 16.11 -6.07 12.87
C ARG D 73 16.97 -7.30 12.61
N ASN D 74 17.68 -7.29 11.48
CA ASN D 74 18.57 -8.39 11.08
C ASN D 74 17.79 -9.68 10.95
N ILE D 75 16.55 -9.55 10.46
CA ILE D 75 15.65 -10.69 10.28
C ILE D 75 15.34 -10.97 8.82
N GLU D 76 14.96 -9.92 8.09
CA GLU D 76 14.60 -10.04 6.68
C GLU D 76 15.79 -9.93 5.71
N LYS D 77 16.12 -11.04 5.08
CA LYS D 77 17.23 -11.08 4.15
C LYS D 77 16.83 -10.74 2.74
N ILE D 78 17.00 -9.46 2.43
CA ILE D 78 16.71 -8.93 1.12
C ILE D 78 17.81 -9.48 0.22
N SER D 79 17.55 -9.53 -1.08
CA SER D 79 18.56 -10.03 -1.99
C SER D 79 18.31 -9.57 -3.41
N MET D 80 19.33 -9.73 -4.24
CA MET D 80 19.25 -9.35 -5.64
C MET D 80 19.13 -10.61 -6.50
N LEU D 81 18.72 -10.41 -7.75
CA LEU D 81 18.51 -11.53 -8.64
C LEU D 81 19.59 -11.60 -9.72
N GLU D 82 19.92 -12.81 -10.16
CA GLU D 82 20.93 -13.00 -11.18
C GLU D 82 20.32 -13.26 -12.57
N LYS D 83 19.36 -14.18 -12.66
CA LYS D 83 18.72 -14.47 -13.94
C LYS D 83 17.38 -15.23 -13.82
N ILE D 84 16.38 -14.76 -14.58
CA ILE D 84 15.03 -15.34 -14.58
C ILE D 84 14.73 -16.27 -15.74
N TYR D 85 14.09 -17.41 -15.43
CA TYR D 85 13.74 -18.42 -16.43
C TYR D 85 12.28 -18.87 -16.29
N ILE D 86 11.52 -18.76 -17.38
CA ILE D 86 10.12 -19.16 -17.38
C ILE D 86 9.95 -20.40 -18.28
N HIS D 87 8.73 -20.86 -18.47
CA HIS D 87 8.50 -22.03 -19.29
C HIS D 87 8.15 -21.74 -20.72
N PRO D 88 8.85 -22.40 -21.66
CA PRO D 88 8.70 -22.29 -23.10
C PRO D 88 7.26 -22.44 -23.62
N ARG D 89 6.55 -23.46 -23.14
CA ARG D 89 5.17 -23.69 -23.58
C ARG D 89 4.12 -23.06 -22.66
N TYR D 90 4.58 -22.15 -21.79
CA TYR D 90 3.66 -21.44 -20.88
C TYR D 90 2.81 -20.45 -21.65
N ASN D 91 1.69 -20.93 -22.16
CA ASN D 91 0.78 -20.08 -22.88
C ASN D 91 0.00 -19.24 -21.89
N TRP D 92 0.09 -17.94 -22.04
CA TRP D 92 -0.63 -17.02 -21.19
C TRP D 92 -1.81 -16.61 -22.04
N ARG D 93 -1.56 -16.50 -23.34
CA ARG D 93 -2.53 -16.08 -24.35
C ARG D 93 -3.96 -16.60 -24.15
N GLU D 94 -4.11 -17.67 -23.39
CA GLU D 94 -5.44 -18.23 -23.17
C GLU D 94 -5.76 -18.68 -21.74
N ASN D 95 -4.76 -19.11 -20.97
CA ASN D 95 -5.05 -19.58 -19.62
C ASN D 95 -3.84 -19.88 -18.73
N LEU D 96 -2.95 -18.91 -18.58
CA LEU D 96 -1.77 -19.09 -17.72
C LEU D 96 -1.38 -20.55 -17.55
N ASP D 97 -1.41 -21.26 -18.68
CA ASP D 97 -1.06 -22.67 -18.75
C ASP D 97 0.44 -22.77 -18.46
N ARG D 98 0.85 -23.83 -17.76
CA ARG D 98 2.27 -24.01 -17.42
C ARG D 98 2.88 -22.80 -16.77
N ASN D 99 2.00 -22.09 -16.06
CA ASN D 99 2.32 -20.85 -15.28
C ASN D 99 3.38 -21.20 -14.21
N ILE D 100 4.61 -20.73 -14.41
CA ILE D 100 5.66 -21.02 -13.44
C ILE D 100 6.97 -20.42 -13.90
N ALA D 101 7.80 -20.04 -12.94
CA ALA D 101 9.08 -19.44 -13.26
C ALA D 101 10.06 -19.69 -12.13
N LEU D 102 11.35 -19.59 -12.45
CA LEU D 102 12.43 -19.81 -11.48
C LEU D 102 13.26 -18.55 -11.34
N MET D 103 13.88 -18.38 -10.18
CA MET D 103 14.71 -17.20 -9.90
C MET D 103 15.96 -17.50 -9.06
N LYS D 104 17.13 -17.17 -9.63
CA LYS D 104 18.42 -17.37 -8.98
C LYS D 104 19.02 -16.00 -8.55
N LEU D 105 19.39 -15.87 -7.28
CA LEU D 105 19.95 -14.62 -6.76
C LEU D 105 21.48 -14.57 -6.76
N LYS D 106 22.05 -13.39 -7.04
CA LYS D 106 23.51 -13.23 -7.06
C LYS D 106 24.10 -13.99 -5.86
N LYS D 107 23.83 -13.47 -4.67
CA LYS D 107 24.31 -14.07 -3.42
C LYS D 107 23.25 -14.92 -2.76
N PRO D 108 23.63 -16.13 -2.29
CA PRO D 108 22.69 -17.03 -1.63
C PRO D 108 22.33 -16.47 -0.27
N VAL D 109 21.72 -17.32 0.55
CA VAL D 109 21.33 -16.91 1.88
C VAL D 109 21.53 -18.06 2.85
N ALA D 110 21.99 -17.71 4.04
CA ALA D 110 22.22 -18.68 5.09
C ALA D 110 20.91 -18.80 5.84
N PHE D 111 20.38 -20.01 5.90
CA PHE D 111 19.12 -20.27 6.57
C PHE D 111 19.24 -19.97 8.05
N SER D 112 18.23 -20.36 8.82
CA SER D 112 18.22 -20.13 10.27
C SER D 112 16.82 -20.31 10.82
N ASP D 113 16.60 -19.75 12.00
CA ASP D 113 15.30 -19.81 12.67
C ASP D 113 14.20 -19.24 11.79
N TYR D 114 14.56 -18.23 11.00
CA TYR D 114 13.61 -17.54 10.14
C TYR D 114 13.63 -17.86 8.65
N ILE D 115 14.71 -18.48 8.18
CA ILE D 115 14.76 -18.84 6.76
C ILE D 115 15.05 -20.33 6.69
N HIS D 116 14.43 -20.98 5.71
CA HIS D 116 14.59 -22.41 5.52
C HIS D 116 13.90 -22.80 4.21
N PRO D 117 14.25 -23.98 3.66
CA PRO D 117 13.63 -24.41 2.40
C PRO D 117 12.51 -25.44 2.57
N VAL D 118 11.63 -25.51 1.57
CA VAL D 118 10.54 -26.46 1.59
C VAL D 118 10.76 -27.53 0.52
N CYS D 119 10.58 -28.79 0.91
CA CYS D 119 10.77 -29.93 0.02
C CYS D 119 9.90 -29.95 -1.21
N LEU D 120 10.40 -30.64 -2.23
CA LEU D 120 9.67 -30.81 -3.46
C LEU D 120 9.20 -32.25 -3.45
N PRO D 121 8.16 -32.58 -4.23
CA PRO D 121 7.65 -33.96 -4.28
C PRO D 121 8.34 -34.91 -5.28
N ASP D 122 8.05 -36.19 -5.11
CA ASP D 122 8.55 -37.24 -5.97
C ASP D 122 7.30 -38.06 -6.29
N ARG D 123 7.31 -38.79 -7.40
CA ARG D 123 6.16 -39.58 -7.83
C ARG D 123 5.36 -40.19 -6.69
N GLU D 124 6.02 -40.40 -5.55
CA GLU D 124 5.37 -40.98 -4.38
C GLU D 124 4.54 -39.91 -3.69
N THR D 125 5.18 -39.19 -2.76
CA THR D 125 4.57 -38.12 -1.98
C THR D 125 3.50 -37.43 -2.81
N ALA D 126 3.85 -37.09 -4.04
CA ALA D 126 2.95 -36.44 -4.97
C ALA D 126 1.69 -37.29 -5.17
N ALA D 127 1.87 -38.39 -5.90
CA ALA D 127 0.78 -39.28 -6.19
C ALA D 127 0.03 -39.67 -4.92
N SER D 128 0.77 -39.97 -3.85
CA SER D 128 0.14 -40.39 -2.58
C SER D 128 -0.54 -39.28 -1.79
N LEU D 129 0.09 -38.11 -1.71
CA LEU D 129 -0.49 -37.00 -0.96
C LEU D 129 -1.43 -36.11 -1.76
N LEU D 130 -1.14 -35.89 -3.04
CA LEU D 130 -2.00 -35.05 -3.84
C LEU D 130 -3.32 -35.74 -4.16
N GLN D 131 -4.17 -35.82 -3.15
CA GLN D 131 -5.47 -36.47 -3.28
C GLN D 131 -6.61 -35.51 -3.00
N ALA D 132 -7.67 -35.60 -3.79
CA ALA D 132 -8.82 -34.75 -3.55
C ALA D 132 -9.33 -35.18 -2.18
N GLY D 133 -9.86 -34.23 -1.42
CA GLY D 133 -10.35 -34.54 -0.09
C GLY D 133 -9.32 -34.20 0.97
N TYR D 134 -8.07 -34.06 0.54
CA TYR D 134 -6.95 -33.74 1.42
C TYR D 134 -6.75 -32.22 1.48
N LYS D 135 -6.07 -31.75 2.53
CA LYS D 135 -5.84 -30.32 2.68
C LYS D 135 -4.39 -29.87 2.49
N GLY D 136 -4.28 -28.80 1.72
CA GLY D 136 -3.00 -28.19 1.46
C GLY D 136 -3.04 -26.86 2.20
N ARG D 137 -1.99 -26.07 2.07
CA ARG D 137 -1.91 -24.80 2.78
C ARG D 137 -1.38 -23.67 1.92
N VAL D 138 -2.14 -22.59 1.81
CA VAL D 138 -1.67 -21.46 1.05
C VAL D 138 -1.45 -20.30 1.98
N THR D 139 -0.37 -19.56 1.75
CA THR D 139 -0.03 -18.39 2.57
C THR D 139 0.33 -17.20 1.69
N GLY D 140 0.33 -16.00 2.29
CA GLY D 140 0.65 -14.81 1.53
C GLY D 140 0.15 -13.51 2.14
N TRP D 141 0.39 -12.41 1.43
CA TRP D 141 -0.04 -11.09 1.88
C TRP D 141 -1.05 -10.52 0.91
N GLY D 142 -1.79 -11.39 0.24
CA GLY D 142 -2.78 -10.95 -0.74
C GLY D 142 -4.02 -10.28 -0.18
N ASN D 143 -4.77 -9.58 -1.02
CA ASN D 143 -5.97 -8.90 -0.56
C ASN D 143 -6.72 -9.77 0.41
N LEU D 144 -7.21 -9.18 1.50
CA LEU D 144 -7.91 -9.96 2.49
C LEU D 144 -9.32 -10.37 2.14
N LYS D 145 -9.98 -9.49 1.40
CA LYS D 145 -11.34 -9.70 0.83
C LYS D 145 -11.10 -9.40 -0.63
N GLU D 146 -12.15 -9.58 -1.41
CA GLU D 146 -12.15 -9.38 -2.86
C GLU D 146 -12.39 -7.92 -3.27
N THR D 147 -12.10 -6.97 -2.39
CA THR D 147 -12.32 -5.61 -2.87
C THR D 147 -11.97 -4.36 -2.09
N TRP D 148 -12.48 -4.17 -0.86
CA TRP D 148 -12.15 -3.01 0.01
C TRP D 148 -13.31 -2.08 0.64
N THR D 149 -12.88 -0.99 1.27
CA THR D 149 -13.71 0.04 1.91
C THR D 149 -14.53 -0.10 3.13
N ALA D 150 -14.85 1.10 3.58
CA ALA D 150 -15.75 1.39 4.66
C ALA D 150 -16.30 0.31 5.53
N ASN D 151 -17.41 -0.27 5.08
CA ASN D 151 -18.08 -1.33 5.81
C ASN D 151 -17.05 -2.43 6.19
N VAL D 152 -15.77 -2.16 5.92
CA VAL D 152 -14.68 -3.06 6.27
C VAL D 152 -13.37 -2.61 5.70
N GLY D 153 -12.40 -2.52 6.60
CA GLY D 153 -11.08 -2.15 6.18
C GLY D 153 -10.38 -3.48 6.15
N LYS D 154 -10.66 -4.27 5.12
CA LYS D 154 -10.04 -5.56 4.98
C LYS D 154 -8.84 -5.53 4.02
N GLY D 155 -8.77 -4.53 3.14
CA GLY D 155 -7.65 -4.42 2.22
C GLY D 155 -6.51 -5.45 2.23
N GLN D 156 -5.35 -5.15 2.84
CA GLN D 156 -4.19 -6.08 2.88
C GLN D 156 -3.75 -6.40 4.32
N PRO D 157 -2.91 -7.45 4.50
CA PRO D 157 -2.41 -7.87 5.81
C PRO D 157 -1.10 -7.24 6.26
N SER D 158 -1.02 -6.96 7.56
CA SER D 158 0.17 -6.38 8.18
C SER D 158 1.05 -7.54 8.67
N VAL D 159 0.55 -8.75 8.41
CA VAL D 159 1.19 -9.98 8.84
C VAL D 159 0.98 -11.05 7.76
N LEU D 160 1.97 -11.91 7.52
CA LEU D 160 1.76 -12.98 6.53
C LEU D 160 0.52 -13.77 6.96
N GLN D 161 -0.48 -13.81 6.08
CA GLN D 161 -1.71 -14.53 6.35
C GLN D 161 -1.62 -15.99 5.93
N VAL D 162 -2.52 -16.82 6.42
CA VAL D 162 -2.50 -18.24 6.07
C VAL D 162 -3.87 -18.95 6.11
N VAL D 163 -3.99 -20.04 5.36
CA VAL D 163 -5.22 -20.80 5.29
C VAL D 163 -4.97 -22.24 4.83
N ASN D 164 -5.95 -23.12 5.06
CA ASN D 164 -5.87 -24.52 4.67
C ASN D 164 -7.08 -24.82 3.78
N LEU D 165 -6.81 -25.27 2.56
CA LEU D 165 -7.87 -25.58 1.61
C LEU D 165 -7.83 -27.03 1.15
N PRO D 166 -8.99 -27.62 0.75
CA PRO D 166 -8.97 -29.01 0.30
C PRO D 166 -8.80 -29.06 -1.22
N ILE D 167 -8.30 -30.17 -1.74
CA ILE D 167 -8.08 -30.29 -3.19
C ILE D 167 -9.35 -30.79 -3.85
N VAL D 168 -9.83 -30.07 -4.86
CA VAL D 168 -11.05 -30.47 -5.53
C VAL D 168 -10.79 -31.44 -6.68
N GLU D 169 -11.80 -32.26 -6.99
CA GLU D 169 -11.76 -33.26 -8.06
C GLU D 169 -11.67 -32.61 -9.42
N ARG D 170 -10.64 -32.98 -10.18
CA ARG D 170 -10.43 -32.43 -11.52
C ARG D 170 -11.71 -32.27 -12.34
N PRO D 171 -12.63 -33.25 -12.23
CA PRO D 171 -13.88 -33.14 -12.99
C PRO D 171 -14.73 -32.03 -12.42
N VAL D 172 -14.51 -31.74 -11.15
CA VAL D 172 -15.25 -30.66 -10.50
C VAL D 172 -14.53 -29.33 -10.76
N CYS D 173 -13.20 -29.37 -10.85
CA CYS D 173 -12.43 -28.16 -11.14
C CYS D 173 -12.73 -27.77 -12.59
N LYS D 174 -13.02 -28.76 -13.41
CA LYS D 174 -13.32 -28.55 -14.81
C LYS D 174 -14.66 -27.86 -14.99
N ASP D 175 -15.60 -28.18 -14.13
CA ASP D 175 -16.92 -27.56 -14.21
C ASP D 175 -16.86 -26.19 -13.55
N SER D 176 -15.97 -26.07 -12.56
CA SER D 176 -15.82 -24.83 -11.84
C SER D 176 -15.77 -23.62 -12.74
N THR D 177 -15.03 -23.73 -13.84
CA THR D 177 -14.89 -22.61 -14.74
C THR D 177 -15.15 -22.98 -16.20
N ARG D 178 -15.14 -21.97 -17.05
CA ARG D 178 -15.36 -22.17 -18.48
C ARG D 178 -14.01 -22.26 -19.19
N ILE D 179 -12.97 -21.91 -18.46
CA ILE D 179 -11.60 -21.90 -18.96
C ILE D 179 -10.98 -23.29 -19.18
N ARG D 180 -10.35 -23.48 -20.33
CA ARG D 180 -9.71 -24.76 -20.63
C ARG D 180 -8.64 -25.03 -19.56
N ILE D 181 -8.51 -26.31 -19.17
CA ILE D 181 -7.57 -26.70 -18.13
C ILE D 181 -6.62 -27.83 -18.51
N THR D 182 -5.44 -27.84 -17.87
CA THR D 182 -4.44 -28.86 -18.12
C THR D 182 -4.30 -29.73 -16.89
N ASP D 183 -3.31 -30.60 -16.91
CA ASP D 183 -3.05 -31.49 -15.79
C ASP D 183 -1.94 -30.92 -14.93
N ASN D 184 -1.60 -29.65 -15.17
CA ASN D 184 -0.56 -28.96 -14.40
C ASN D 184 -1.31 -28.13 -13.39
N MET D 185 -2.60 -27.99 -13.63
CA MET D 185 -3.45 -27.20 -12.76
C MET D 185 -4.25 -28.15 -11.88
N PHE D 186 -4.38 -27.79 -10.61
CA PHE D 186 -5.17 -28.57 -9.68
C PHE D 186 -5.81 -27.48 -8.84
N CYS D 187 -7.08 -27.62 -8.50
CA CYS D 187 -7.74 -26.58 -7.75
C CYS D 187 -8.14 -26.98 -6.35
N ALA D 188 -8.05 -26.04 -5.41
CA ALA D 188 -8.40 -26.30 -4.02
C ALA D 188 -9.36 -25.25 -3.47
N GLY D 189 -10.37 -25.71 -2.74
CA GLY D 189 -11.31 -24.78 -2.16
C GLY D 189 -12.48 -25.51 -1.54
N TYR D 190 -13.37 -24.77 -0.88
CA TYR D 190 -14.53 -25.40 -0.25
C TYR D 190 -15.79 -25.37 -1.12
N LYS D 191 -16.41 -26.53 -1.28
CA LYS D 191 -17.63 -26.65 -2.06
C LYS D 191 -18.76 -25.85 -1.34
N PRO D 192 -19.78 -25.39 -2.09
CA PRO D 192 -20.90 -24.62 -1.57
C PRO D 192 -21.66 -25.26 -0.41
N ASP D 193 -20.98 -25.93 0.51
CA ASP D 193 -21.67 -26.56 1.64
C ASP D 193 -20.78 -27.52 2.35
N GLU D 194 -19.70 -26.99 2.88
CA GLU D 194 -18.76 -27.78 3.66
C GLU D 194 -18.57 -26.97 4.92
N GLY D 195 -19.34 -25.90 4.96
CA GLY D 195 -19.33 -24.99 6.08
C GLY D 195 -18.18 -24.00 6.12
N LYS D 196 -17.10 -24.33 5.44
CA LYS D 196 -15.94 -23.47 5.43
C LYS D 196 -15.80 -22.71 4.14
N ARG D 197 -15.07 -21.60 4.25
CA ARG D 197 -14.75 -20.72 3.13
C ARG D 197 -13.26 -20.51 3.15
N GLY D 198 -12.82 -19.61 2.29
CA GLY D 198 -11.41 -19.29 2.21
C GLY D 198 -10.93 -19.50 0.80
N ASP D 199 -9.92 -18.75 0.42
CA ASP D 199 -9.35 -18.85 -0.91
C ASP D 199 -8.27 -17.82 -0.96
N ALA D 200 -7.48 -17.85 -2.02
CA ALA D 200 -6.37 -16.91 -2.21
C ALA D 200 -6.88 -15.64 -2.87
N CYS D 201 -6.00 -14.65 -3.03
CA CYS D 201 -6.40 -13.37 -3.64
C CYS D 201 -5.22 -12.59 -4.19
N GLU D 202 -5.51 -11.62 -5.06
CA GLU D 202 -4.48 -10.78 -5.67
C GLU D 202 -3.38 -10.39 -4.69
N GLY D 203 -2.19 -10.94 -4.90
CA GLY D 203 -1.07 -10.67 -4.02
C GLY D 203 -0.53 -11.94 -3.41
N ASP D 204 -1.24 -13.03 -3.65
CA ASP D 204 -0.88 -14.35 -3.14
C ASP D 204 -0.09 -15.11 -4.21
N SER D 205 -0.66 -15.14 -5.42
CA SER D 205 -0.07 -15.79 -6.58
C SER D 205 1.46 -15.83 -6.61
N GLY D 206 2.01 -16.91 -7.17
CA GLY D 206 3.44 -17.06 -7.21
C GLY D 206 3.91 -17.56 -5.85
N GLY D 207 2.96 -17.83 -4.97
CA GLY D 207 3.30 -18.30 -3.65
C GLY D 207 3.20 -19.81 -3.51
N PRO D 208 3.37 -20.32 -2.29
CA PRO D 208 3.31 -21.76 -2.00
C PRO D 208 1.95 -22.36 -1.61
N PHE D 209 1.86 -23.66 -1.83
CA PHE D 209 0.71 -24.46 -1.47
C PHE D 209 1.38 -25.76 -1.03
N VAL D 210 1.82 -25.78 0.23
CA VAL D 210 2.52 -26.93 0.77
C VAL D 210 1.59 -27.87 1.54
N MET D 211 2.11 -29.05 1.86
CA MET D 211 1.37 -30.08 2.60
C MET D 211 2.30 -30.74 3.62
N LYS D 212 1.72 -31.52 4.53
CA LYS D 212 2.48 -32.18 5.61
C LYS D 212 2.59 -33.70 5.51
N SER D 213 3.70 -34.17 4.96
CA SER D 213 3.93 -35.60 4.82
C SER D 213 3.99 -36.24 6.20
N PRO D 214 2.94 -36.99 6.57
CA PRO D 214 2.91 -37.64 7.88
C PRO D 214 3.95 -38.78 7.93
N PHE D 215 4.42 -39.17 6.75
CA PHE D 215 5.41 -40.23 6.56
C PHE D 215 6.74 -39.87 7.18
N ASN D 216 7.20 -38.65 6.90
CA ASN D 216 8.47 -38.21 7.45
C ASN D 216 8.37 -36.88 8.18
N ASN D 217 7.14 -36.40 8.34
CA ASN D 217 6.96 -35.13 9.04
C ASN D 217 7.71 -34.05 8.24
N ARG D 218 7.50 -34.04 6.92
CA ARG D 218 8.16 -33.08 6.02
C ARG D 218 7.15 -32.33 5.12
N TRP D 219 7.28 -30.99 5.06
CA TRP D 219 6.40 -30.16 4.23
C TRP D 219 6.77 -30.22 2.76
N TYR D 220 5.78 -30.30 1.89
CA TYR D 220 6.05 -30.37 0.47
C TYR D 220 5.15 -29.46 -0.34
N GLN D 221 5.72 -28.40 -0.90
CA GLN D 221 4.92 -27.50 -1.72
C GLN D 221 4.50 -28.30 -2.95
N MET D 222 3.19 -28.33 -3.21
CA MET D 222 2.65 -29.08 -4.33
C MET D 222 2.03 -28.17 -5.38
N GLY D 223 2.14 -26.87 -5.17
CA GLY D 223 1.57 -25.94 -6.13
C GLY D 223 1.90 -24.50 -5.82
N ILE D 224 1.71 -23.64 -6.82
CA ILE D 224 1.97 -22.21 -6.71
C ILE D 224 0.73 -21.48 -7.21
N VAL D 225 0.14 -20.64 -6.36
CA VAL D 225 -1.07 -19.91 -6.72
C VAL D 225 -1.09 -19.36 -8.16
N SER D 226 -1.56 -20.17 -9.12
CA SER D 226 -1.60 -19.73 -10.53
C SER D 226 -2.63 -18.63 -10.80
N TRP D 227 -3.92 -18.97 -10.75
CA TRP D 227 -5.02 -18.01 -10.99
C TRP D 227 -6.32 -18.36 -10.26
N GLY D 228 -7.39 -17.67 -10.64
CA GLY D 228 -8.71 -17.87 -10.04
C GLY D 228 -9.62 -16.73 -10.44
N GLU D 229 -10.90 -16.99 -10.69
CA GLU D 229 -11.82 -15.92 -11.12
C GLU D 229 -12.61 -15.25 -10.01
N GLY D 230 -11.90 -14.42 -9.25
CA GLY D 230 -12.50 -13.73 -8.15
C GLY D 230 -11.99 -14.48 -6.95
N CYS D 231 -11.90 -13.80 -5.81
CA CYS D 231 -11.43 -14.47 -4.61
C CYS D 231 -12.66 -14.97 -3.87
N ASP D 232 -12.55 -16.17 -3.33
CA ASP D 232 -13.64 -16.77 -2.58
C ASP D 232 -15.00 -16.45 -3.20
N ARG D 233 -15.46 -17.33 -4.06
CA ARG D 233 -16.76 -17.17 -4.69
C ARG D 233 -17.38 -18.54 -4.59
N ASP D 234 -18.70 -18.62 -4.55
CA ASP D 234 -19.30 -19.93 -4.40
C ASP D 234 -19.30 -20.79 -5.64
N GLY D 235 -18.57 -21.89 -5.58
CA GLY D 235 -18.50 -22.78 -6.72
C GLY D 235 -17.28 -22.52 -7.61
N LYS D 236 -16.67 -21.35 -7.44
CA LYS D 236 -15.48 -21.01 -8.20
C LYS D 236 -14.29 -21.31 -7.30
N TYR D 237 -13.43 -22.20 -7.74
CA TYR D 237 -12.27 -22.58 -6.94
C TYR D 237 -10.99 -21.90 -7.38
N GLY D 238 -10.03 -21.85 -6.47
CA GLY D 238 -8.76 -21.21 -6.79
C GLY D 238 -7.85 -22.25 -7.42
N PHE D 239 -7.03 -21.84 -8.37
CA PHE D 239 -6.11 -22.75 -9.04
C PHE D 239 -4.67 -22.57 -8.65
N TYR D 240 -3.89 -23.63 -8.82
CA TYR D 240 -2.48 -23.64 -8.48
C TYR D 240 -1.80 -24.53 -9.51
N THR D 241 -0.51 -24.31 -9.74
CA THR D 241 0.16 -25.16 -10.70
C THR D 241 0.75 -26.39 -9.99
N HIS D 242 0.59 -27.52 -10.68
CA HIS D 242 1.01 -28.85 -10.25
C HIS D 242 2.53 -28.97 -10.20
N VAL D 243 3.13 -28.41 -9.15
CA VAL D 243 4.58 -28.45 -8.99
C VAL D 243 5.29 -29.68 -9.55
N PHE D 244 4.81 -30.88 -9.23
CA PHE D 244 5.46 -32.09 -9.71
C PHE D 244 5.32 -32.34 -11.22
N ARG D 245 4.11 -32.22 -11.76
CA ARG D 245 3.89 -32.42 -13.20
C ARG D 245 5.00 -31.68 -13.96
N LEU D 246 5.41 -30.56 -13.38
CA LEU D 246 6.41 -29.71 -13.99
C LEU D 246 7.75 -29.69 -13.26
N LYS D 247 8.14 -30.84 -12.70
CA LYS D 247 9.41 -30.97 -11.99
C LYS D 247 10.47 -31.36 -13.03
N LYS D 248 9.98 -31.93 -14.13
CA LYS D 248 10.80 -32.39 -15.25
C LYS D 248 11.56 -31.21 -15.86
N TRP D 249 10.87 -30.07 -15.92
CA TRP D 249 11.44 -28.84 -16.48
C TRP D 249 12.27 -28.06 -15.46
N ILE D 250 11.92 -28.22 -14.19
CA ILE D 250 12.58 -27.53 -13.07
C ILE D 250 14.08 -27.79 -12.99
N GLN D 251 14.41 -29.05 -12.73
CA GLN D 251 15.79 -29.50 -12.59
C GLN D 251 16.61 -29.15 -13.83
N LYS D 252 16.01 -29.31 -15.01
CA LYS D 252 16.69 -28.99 -16.27
C LYS D 252 17.31 -27.61 -16.19
N VAL D 253 16.78 -26.77 -15.31
CA VAL D 253 17.28 -25.42 -15.13
C VAL D 253 18.22 -25.36 -13.93
N ILE D 254 18.18 -26.40 -13.11
CA ILE D 254 19.03 -26.48 -11.94
C ILE D 254 20.18 -27.41 -12.30
N ASP D 255 20.01 -28.09 -13.44
CA ASP D 255 21.02 -29.01 -13.97
C ASP D 255 21.74 -28.23 -15.07
N GLN D 256 21.00 -27.89 -16.12
CA GLN D 256 21.55 -27.14 -17.24
C GLN D 256 21.66 -25.67 -16.86
N PHE D 257 21.71 -25.41 -15.55
CA PHE D 257 21.79 -24.05 -15.00
C PHE D 257 21.52 -22.99 -16.07
N THR E 1 -16.13 43.18 -2.35
CA THR E 1 -17.00 44.32 -1.93
C THR E 1 -18.49 43.95 -2.02
N PRO E 2 -18.91 43.31 -3.12
CA PRO E 2 -20.33 42.95 -3.22
C PRO E 2 -20.50 41.57 -3.86
N SER E 3 -19.69 40.59 -3.48
CA SER E 3 -19.79 39.26 -4.08
C SER E 3 -19.19 38.10 -3.28
N ILE E 4 -18.17 37.49 -3.89
CA ILE E 4 -17.41 36.35 -3.38
C ILE E 4 -16.54 35.96 -4.57
N LEU E 5 -15.31 36.43 -4.62
CA LEU E 5 -14.45 36.09 -5.76
C LEU E 5 -13.46 34.95 -5.49
N PRO E 6 -13.42 33.95 -6.38
CA PRO E 6 -12.54 32.78 -6.28
C PRO E 6 -11.07 33.13 -6.20
N ALA E 7 -10.36 32.59 -5.21
CA ALA E 7 -8.96 32.92 -5.09
C ALA E 7 -8.16 31.87 -4.37
N PRO E 8 -6.86 31.77 -4.73
CA PRO E 8 -6.01 30.78 -4.06
C PRO E 8 -5.89 31.12 -2.58
N ARG E 9 -5.55 30.12 -1.77
CA ARG E 9 -5.39 30.33 -0.35
C ARG E 9 -3.93 30.57 -0.01
N PRO F 6 -9.74 -14.11 -18.08
CA PRO F 6 -9.08 -14.79 -16.93
C PRO F 6 -8.43 -13.76 -16.01
N ALA F 7 -8.46 -14.04 -14.70
CA ALA F 7 -7.90 -13.12 -13.71
C ALA F 7 -6.76 -13.70 -12.87
N PRO F 8 -5.50 -13.33 -13.21
CA PRO F 8 -4.33 -13.82 -12.48
C PRO F 8 -4.26 -13.11 -11.12
N ARG F 9 -3.54 -13.68 -10.17
CA ARG F 9 -3.46 -13.08 -8.84
C ARG F 9 -2.13 -12.38 -8.54
#